data_1DS0
#
_entry.id   1DS0
#
_cell.length_a   66.980
_cell.length_b   67.330
_cell.length_c   68.430
_cell.angle_alpha   90.00
_cell.angle_beta   90.00
_cell.angle_gamma   90.00
#
_symmetry.space_group_name_H-M   'P 21 21 21'
#
loop_
_entity.id
_entity.type
_entity.pdbx_description
1 polymer 'CLAVAMINATE SYNTHASE 1'
2 non-polymer 'ACETATE ION'
3 non-polymer 'SULFATE ION'
4 water water
#
_entity_poly.entity_id   1
_entity_poly.type   'polypeptide(L)'
_entity_poly.pdbx_seq_one_letter_code
;MTSVDCTAYGPELRALAARLPRTPRADLYAFLDAAHTAAASLPGALATALDTFNAEGSEDGHLLLRGLPVEADADLPTTP
SSTPAPEDRSLLTMEAMLGLVGRRLGLHTGYRELRSGTVYHDVYPSPGAHHLSSETSETLLEFHTEMAYHRLQPNYVMLA
CSRADHERTAATLVASVRKALPLLDERTRARLLDRRMPCCVDVAFRGGVDDPGAIAQVKPLYGDADDPFLGYDRELLAPE
DPADKEAVAALSKALDEVTEAVYLEPGDLLIVDNFRTTHARTPFSPRWDGKDRWLHRVYIRTDRNGQLSGGERAGDVVAF
TPRG
;
_entity_poly.pdbx_strand_id   A
#
loop_
_chem_comp.id
_chem_comp.type
_chem_comp.name
_chem_comp.formula
ACT non-polymer 'ACETATE ION' 'C2 H3 O2 -1'
SO4 non-polymer 'SULFATE ION' 'O4 S -2'
#
# COMPACT_ATOMS: atom_id res chain seq x y z
N THR A 2 0.56 -14.53 -3.22
CA THR A 2 0.74 -15.62 -2.21
C THR A 2 -0.33 -15.41 -1.19
N SER A 3 -1.03 -16.48 -0.79
CA SER A 3 -2.12 -16.32 0.18
C SER A 3 -1.94 -17.23 1.38
N VAL A 4 -2.53 -16.82 2.50
CA VAL A 4 -2.50 -17.60 3.74
C VAL A 4 -3.92 -17.56 4.30
N ASP A 5 -4.50 -18.74 4.53
CA ASP A 5 -5.86 -18.84 5.10
C ASP A 5 -5.69 -18.74 6.62
N CYS A 6 -6.20 -17.66 7.22
CA CYS A 6 -5.99 -17.47 8.64
C CYS A 6 -7.19 -17.84 9.50
N THR A 7 -8.18 -18.47 8.89
CA THR A 7 -9.40 -18.81 9.60
C THR A 7 -9.17 -19.57 10.88
N ALA A 8 -8.27 -20.56 10.85
CA ALA A 8 -8.01 -21.34 12.06
C ALA A 8 -7.36 -20.55 13.19
N TYR A 9 -6.73 -19.42 12.85
CA TYR A 9 -6.05 -18.57 13.83
C TYR A 9 -6.97 -17.56 14.52
N GLY A 10 -8.27 -17.57 14.23
CA GLY A 10 -9.22 -16.60 14.80
C GLY A 10 -9.12 -16.37 16.30
N PRO A 11 -9.19 -17.44 17.10
CA PRO A 11 -9.08 -17.28 18.55
C PRO A 11 -7.80 -16.60 18.97
N GLU A 12 -6.68 -17.11 18.48
CA GLU A 12 -5.40 -16.54 18.83
C GLU A 12 -5.24 -15.09 18.38
N LEU A 13 -5.76 -14.77 17.20
CA LEU A 13 -5.65 -13.38 16.69
C LEU A 13 -6.55 -12.41 17.46
N ARG A 14 -7.72 -12.87 17.86
CA ARG A 14 -8.63 -12.03 18.63
C ARG A 14 -7.96 -11.71 19.97
N ALA A 15 -7.24 -12.69 20.49
CA ALA A 15 -6.55 -12.48 21.78
C ALA A 15 -5.39 -11.49 21.60
N LEU A 16 -4.59 -11.65 20.55
CA LEU A 16 -3.50 -10.69 20.38
C LEU A 16 -4.09 -9.28 20.24
N ALA A 17 -5.22 -9.14 19.54
CA ALA A 17 -5.78 -7.79 19.36
C ALA A 17 -6.20 -7.23 20.70
N ALA A 18 -6.67 -8.11 21.59
CA ALA A 18 -7.09 -7.65 22.92
C ALA A 18 -5.92 -7.17 23.79
N ARG A 19 -4.68 -7.43 23.38
CA ARG A 19 -3.52 -6.95 24.13
C ARG A 19 -3.28 -5.47 23.89
N LEU A 20 -3.88 -4.95 22.82
CA LEU A 20 -3.59 -3.58 22.45
C LEU A 20 -4.43 -2.47 23.03
N PRO A 21 -3.84 -1.29 23.18
CA PRO A 21 -4.62 -0.15 23.71
C PRO A 21 -5.90 0.04 22.87
N ARG A 22 -7.01 0.31 23.55
CA ARG A 22 -8.28 0.45 22.84
C ARG A 22 -8.53 1.76 22.11
N THR A 23 -7.74 2.80 22.37
CA THR A 23 -7.90 4.09 21.63
C THR A 23 -6.52 4.26 21.02
N PRO A 24 -6.27 3.63 19.85
CA PRO A 24 -4.94 3.74 19.26
C PRO A 24 -4.30 5.08 19.02
N ARG A 25 -5.07 6.03 18.50
CA ARG A 25 -4.54 7.32 18.13
C ARG A 25 -4.19 8.26 19.30
N ALA A 26 -4.73 7.96 20.49
CA ALA A 26 -4.44 8.79 21.66
C ALA A 26 -2.95 8.74 22.04
N ASP A 27 -2.30 7.61 21.77
CA ASP A 27 -0.86 7.45 21.99
C ASP A 27 -0.48 6.36 20.98
N LEU A 28 -0.32 6.81 19.74
CA LEU A 28 -0.02 5.86 18.67
C LEU A 28 1.33 5.19 18.86
N TYR A 29 2.31 5.90 19.41
CA TYR A 29 3.61 5.25 19.60
C TYR A 29 3.47 4.08 20.58
N ALA A 30 2.73 4.29 21.67
CA ALA A 30 2.54 3.21 22.64
C ALA A 30 1.74 2.07 22.03
N PHE A 31 0.73 2.40 21.22
CA PHE A 31 -0.09 1.38 20.59
C PHE A 31 0.77 0.49 19.68
N LEU A 32 1.57 1.10 18.84
CA LEU A 32 2.40 0.32 17.91
C LEU A 32 3.51 -0.45 18.63
N ASP A 33 3.97 0.06 19.78
CA ASP A 33 4.98 -0.66 20.59
C ASP A 33 4.28 -1.91 21.18
N ALA A 34 3.06 -1.76 21.67
CA ALA A 34 2.30 -2.92 22.16
C ALA A 34 2.11 -3.92 21.00
N ALA A 35 1.81 -3.44 19.80
CA ALA A 35 1.63 -4.34 18.65
C ALA A 35 2.92 -5.07 18.31
N HIS A 36 4.07 -4.42 18.43
CA HIS A 36 5.35 -5.07 18.11
C HIS A 36 5.63 -6.23 19.08
N THR A 37 5.40 -5.98 20.37
CA THR A 37 5.63 -7.01 21.37
C THR A 37 4.69 -8.18 21.09
N ALA A 38 3.43 -7.87 20.80
CA ALA A 38 2.45 -8.89 20.49
C ALA A 38 2.73 -9.64 19.20
N ALA A 39 3.40 -8.98 18.25
CA ALA A 39 3.73 -9.62 16.97
C ALA A 39 4.64 -10.83 17.14
N ALA A 40 5.42 -10.84 18.23
CA ALA A 40 6.30 -11.98 18.48
C ALA A 40 5.50 -13.25 18.81
N SER A 41 4.20 -13.12 19.13
CA SER A 41 3.32 -14.26 19.40
C SER A 41 2.35 -14.65 18.29
N LEU A 42 2.59 -14.15 17.08
CA LEU A 42 1.73 -14.51 15.96
C LEU A 42 1.88 -16.02 15.73
N PRO A 43 0.81 -16.72 15.34
CA PRO A 43 0.86 -18.17 15.09
C PRO A 43 2.01 -18.44 14.16
N GLY A 44 2.69 -19.57 14.39
CA GLY A 44 3.86 -19.89 13.59
C GLY A 44 3.82 -19.83 12.09
N ALA A 45 2.80 -20.40 11.47
CA ALA A 45 2.75 -20.40 10.01
C ALA A 45 2.57 -19.00 9.44
N LEU A 46 1.83 -18.16 10.17
CA LEU A 46 1.59 -16.79 9.78
C LEU A 46 2.89 -16.00 9.93
N ALA A 47 3.58 -16.17 11.05
CA ALA A 47 4.83 -15.47 11.29
C ALA A 47 5.87 -15.86 10.22
N THR A 48 5.92 -17.15 9.89
CA THR A 48 6.87 -17.62 8.87
C THR A 48 6.51 -17.02 7.51
N ALA A 49 5.22 -17.03 7.13
CA ALA A 49 4.87 -16.45 5.84
C ALA A 49 5.23 -14.97 5.75
N LEU A 50 5.03 -14.21 6.84
CA LEU A 50 5.35 -12.81 6.88
C LEU A 50 6.89 -12.56 6.79
N ASP A 51 7.65 -13.30 7.57
CA ASP A 51 9.10 -13.11 7.56
C ASP A 51 9.66 -13.49 6.18
N THR A 52 9.14 -14.57 5.59
CA THR A 52 9.62 -14.98 4.25
C THR A 52 9.29 -13.92 3.21
N PHE A 53 8.06 -13.40 3.25
CA PHE A 53 7.70 -12.33 2.31
C PHE A 53 8.51 -11.07 2.53
N ASN A 54 8.72 -10.69 3.80
CA ASN A 54 9.51 -9.51 4.12
C ASN A 54 10.93 -9.61 3.55
N ALA A 55 11.60 -10.74 3.77
CA ALA A 55 12.96 -10.92 3.27
C ALA A 55 13.09 -11.15 1.78
N GLU A 56 12.19 -11.95 1.22
CA GLU A 56 12.32 -12.39 -0.17
C GLU A 56 11.33 -11.87 -1.15
N GLY A 57 10.25 -11.27 -0.66
CA GLY A 57 9.16 -10.93 -1.58
C GLY A 57 8.60 -12.28 -2.09
N SER A 58 7.91 -12.23 -3.22
CA SER A 58 7.36 -13.41 -3.90
C SER A 58 7.32 -13.14 -5.41
N GLU A 59 7.10 -14.20 -6.21
CA GLU A 59 7.03 -13.96 -7.63
C GLU A 59 5.81 -13.11 -7.99
N ASP A 60 4.69 -13.30 -7.27
CA ASP A 60 3.48 -12.52 -7.54
C ASP A 60 3.38 -11.16 -6.82
N GLY A 61 4.40 -10.84 -6.03
CA GLY A 61 4.48 -9.52 -5.41
C GLY A 61 3.53 -9.08 -4.33
N HIS A 62 2.84 -10.01 -3.70
CA HIS A 62 1.89 -9.66 -2.64
C HIS A 62 1.65 -10.84 -1.74
N LEU A 63 1.22 -10.56 -0.51
CA LEU A 63 0.88 -11.58 0.45
C LEU A 63 -0.53 -11.19 0.91
N LEU A 64 -1.47 -12.10 0.69
CA LEU A 64 -2.89 -11.87 1.02
C LEU A 64 -3.27 -12.76 2.20
N LEU A 65 -3.69 -12.15 3.30
CA LEU A 65 -4.11 -12.92 4.48
C LEU A 65 -5.63 -12.93 4.37
N ARG A 66 -6.23 -14.13 4.39
CA ARG A 66 -7.66 -14.22 4.27
C ARG A 66 -8.28 -14.73 5.55
N GLY A 67 -9.45 -14.17 5.87
CA GLY A 67 -10.22 -14.66 7.00
C GLY A 67 -9.77 -14.28 8.40
N LEU A 68 -9.19 -13.09 8.50
CA LEU A 68 -8.79 -12.59 9.81
C LEU A 68 -10.08 -12.24 10.53
N PRO A 69 -9.98 -12.13 11.85
CA PRO A 69 -11.22 -11.80 12.52
C PRO A 69 -11.56 -10.34 12.21
N VAL A 70 -12.82 -10.15 11.93
CA VAL A 70 -13.36 -8.83 11.66
C VAL A 70 -14.74 -8.81 12.33
N GLU A 71 -15.13 -7.62 12.78
CA GLU A 71 -16.46 -7.45 13.39
C GLU A 71 -17.54 -7.81 12.39
N ALA A 72 -18.68 -8.29 12.89
CA ALA A 72 -19.83 -8.54 12.02
C ALA A 72 -20.22 -7.14 11.53
N ASP A 73 -20.78 -7.09 10.35
CA ASP A 73 -21.15 -5.81 9.73
C ASP A 73 -21.97 -4.89 10.62
N ALA A 74 -22.91 -5.47 11.36
CA ALA A 74 -23.76 -4.67 12.22
C ALA A 74 -23.00 -4.12 13.41
N ASP A 75 -21.86 -4.71 13.71
CA ASP A 75 -21.09 -4.28 14.84
C ASP A 75 -20.01 -3.27 14.52
N LEU A 76 -19.96 -2.82 13.27
CA LEU A 76 -18.99 -1.80 12.87
C LEU A 76 -19.63 -0.42 12.90
N PRO A 77 -18.82 0.63 12.99
CA PRO A 77 -19.34 2.01 12.97
C PRO A 77 -19.89 2.24 11.55
N THR A 78 -20.52 3.39 11.36
CA THR A 78 -20.98 3.81 10.05
C THR A 78 -19.71 4.01 9.22
N THR A 79 -19.72 3.70 7.93
CA THR A 79 -18.55 3.92 7.09
C THR A 79 -18.21 5.43 7.12
N PRO A 80 -16.95 5.78 7.40
CA PRO A 80 -16.52 7.19 7.45
C PRO A 80 -16.87 7.99 6.22
N SER A 81 -17.11 9.29 6.44
CA SER A 81 -17.46 10.23 5.38
C SER A 81 -16.34 11.26 5.18
N SER A 82 -15.34 11.26 6.05
CA SER A 82 -14.27 12.27 5.99
C SER A 82 -12.97 11.77 6.59
N THR A 83 -11.94 12.59 6.44
CA THR A 83 -10.59 12.34 6.96
C THR A 83 -10.12 13.71 7.49
N PRO A 84 -9.32 13.71 8.58
CA PRO A 84 -8.82 12.59 9.37
C PRO A 84 -9.84 11.97 10.31
N ALA A 85 -9.48 10.81 10.83
CA ALA A 85 -10.31 10.11 11.80
C ALA A 85 -10.19 10.75 13.19
N PRO A 86 -11.25 10.63 14.00
CA PRO A 86 -11.17 11.20 15.36
C PRO A 86 -10.11 10.42 16.15
N GLU A 87 -9.29 11.13 16.93
CA GLU A 87 -8.24 10.45 17.71
C GLU A 87 -8.87 9.56 18.76
N ASP A 88 -10.10 9.85 19.17
CA ASP A 88 -10.79 9.03 20.18
C ASP A 88 -11.46 7.78 19.63
N ARG A 89 -11.39 7.54 18.34
CA ARG A 89 -12.07 6.36 17.80
C ARG A 89 -11.58 5.04 18.39
N SER A 90 -12.53 4.19 18.81
CA SER A 90 -12.15 2.93 19.42
C SER A 90 -11.55 2.00 18.39
N LEU A 91 -10.61 1.21 18.85
CA LEU A 91 -9.92 0.25 17.99
C LEU A 91 -10.85 -0.71 17.24
N LEU A 92 -10.61 -0.86 15.93
CA LEU A 92 -11.35 -1.82 15.12
C LEU A 92 -10.45 -3.03 14.94
N THR A 93 -11.02 -4.22 14.87
CA THR A 93 -10.21 -5.44 14.76
C THR A 93 -9.26 -5.45 13.55
N MET A 94 -9.70 -4.97 12.40
CA MET A 94 -8.78 -4.93 11.25
C MET A 94 -7.64 -3.95 11.45
N GLU A 95 -7.85 -2.90 12.26
CA GLU A 95 -6.78 -1.96 12.57
C GLU A 95 -5.79 -2.66 13.50
N ALA A 96 -6.30 -3.49 14.40
CA ALA A 96 -5.41 -4.24 15.28
C ALA A 96 -4.56 -5.19 14.43
N MET A 97 -5.17 -5.82 13.44
CA MET A 97 -4.42 -6.73 12.57
C MET A 97 -3.36 -5.95 11.81
N LEU A 98 -3.67 -4.74 11.34
CA LEU A 98 -2.64 -3.94 10.63
C LEU A 98 -1.49 -3.56 11.59
N GLY A 99 -1.81 -3.45 12.86
CA GLY A 99 -0.78 -3.14 13.83
C GLY A 99 0.12 -4.33 14.04
N LEU A 100 -0.48 -5.50 14.22
CA LEU A 100 0.29 -6.73 14.49
C LEU A 100 1.12 -7.12 13.28
N VAL A 101 0.45 -7.29 12.16
CA VAL A 101 1.12 -7.71 10.94
C VAL A 101 2.11 -6.66 10.47
N GLY A 102 1.69 -5.40 10.57
CA GLY A 102 2.59 -4.30 10.18
C GLY A 102 3.89 -4.30 10.97
N ARG A 103 3.80 -4.41 12.30
CA ARG A 103 5.03 -4.39 13.09
C ARG A 103 5.86 -5.64 12.87
N ARG A 104 5.26 -6.76 12.47
CA ARG A 104 6.09 -7.93 12.15
C ARG A 104 7.01 -7.57 10.96
N LEU A 105 6.49 -6.74 10.06
CA LEU A 105 7.25 -6.35 8.84
C LEU A 105 8.13 -5.13 9.01
N GLY A 106 7.68 -4.16 9.80
CA GLY A 106 8.49 -2.94 9.87
C GLY A 106 7.82 -1.77 10.58
N LEU A 107 8.09 -0.55 10.11
CA LEU A 107 7.60 0.63 10.80
C LEU A 107 6.49 1.40 10.12
N HIS A 108 5.33 1.48 10.78
CA HIS A 108 4.22 2.27 10.20
C HIS A 108 4.73 3.69 10.02
N THR A 109 4.35 4.29 8.91
CA THR A 109 4.86 5.64 8.59
C THR A 109 3.76 6.51 8.00
N GLY A 110 3.67 7.73 8.51
CA GLY A 110 2.74 8.71 7.98
C GLY A 110 3.54 9.67 7.10
N TYR A 111 2.84 10.38 6.22
CA TYR A 111 3.49 11.35 5.31
C TYR A 111 2.81 12.70 5.59
N ARG A 112 3.62 13.64 6.01
CA ARG A 112 3.09 14.93 6.48
C ARG A 112 2.04 15.59 5.62
N GLU A 113 2.31 15.64 4.32
CA GLU A 113 1.42 16.33 3.36
C GLU A 113 0.19 15.52 2.97
N LEU A 114 0.18 14.26 3.40
CA LEU A 114 -0.89 13.34 3.02
C LEU A 114 -1.85 12.98 4.17
N ARG A 115 -3.14 13.03 3.90
CA ARG A 115 -4.18 12.70 4.90
C ARG A 115 -3.89 13.31 6.24
N SER A 116 -3.66 14.62 6.24
CA SER A 116 -3.39 15.36 7.47
C SER A 116 -2.24 14.83 8.32
N GLY A 117 -1.28 14.13 7.71
CA GLY A 117 -0.17 13.60 8.46
C GLY A 117 -0.55 12.45 9.36
N THR A 118 -1.65 11.74 9.04
CA THR A 118 -2.03 10.63 9.90
C THR A 118 -1.37 9.34 9.38
N VAL A 119 -1.44 8.29 10.21
CA VAL A 119 -0.82 6.98 9.92
C VAL A 119 -1.83 5.96 9.41
N TYR A 120 -2.95 5.82 10.12
CA TYR A 120 -4.03 4.93 9.70
C TYR A 120 -4.99 5.77 8.83
N HIS A 121 -5.25 5.27 7.62
CA HIS A 121 -6.11 5.99 6.67
C HIS A 121 -7.33 5.17 6.35
N ASP A 122 -8.50 5.76 6.48
CA ASP A 122 -9.71 5.05 6.05
C ASP A 122 -9.81 5.27 4.55
N VAL A 123 -10.11 4.21 3.80
CA VAL A 123 -10.27 4.26 2.34
C VAL A 123 -11.74 3.91 2.05
N TYR A 124 -12.47 4.94 1.62
CA TYR A 124 -13.90 4.85 1.34
C TYR A 124 -14.23 5.77 0.14
N PRO A 125 -15.37 5.51 -0.54
CA PRO A 125 -15.70 6.40 -1.66
C PRO A 125 -16.22 7.75 -1.22
N SER A 126 -15.89 8.75 -2.01
CA SER A 126 -16.34 10.10 -1.73
C SER A 126 -16.73 10.76 -3.06
N PRO A 127 -17.83 11.52 -3.07
CA PRO A 127 -18.31 12.19 -4.28
C PRO A 127 -17.30 13.17 -4.88
N GLY A 128 -17.24 13.25 -6.20
CA GLY A 128 -16.30 14.15 -6.88
C GLY A 128 -14.82 13.86 -6.66
N ALA A 129 -14.50 12.60 -6.38
CA ALA A 129 -13.12 12.23 -6.14
C ALA A 129 -12.19 12.53 -7.31
N HIS A 130 -10.96 12.87 -6.96
CA HIS A 130 -9.92 13.15 -7.94
C HIS A 130 -9.56 11.79 -8.55
N HIS A 131 -9.27 11.77 -9.83
CA HIS A 131 -9.00 10.50 -10.51
C HIS A 131 -7.83 9.65 -10.01
N LEU A 132 -6.85 10.25 -9.31
CA LEU A 132 -5.73 9.46 -8.77
C LEU A 132 -5.97 9.07 -7.31
N SER A 133 -7.10 9.53 -6.76
CA SER A 133 -7.43 9.30 -5.35
C SER A 133 -8.00 7.95 -4.94
N SER A 134 -7.82 7.59 -3.66
CA SER A 134 -8.36 6.33 -3.15
C SER A 134 -9.88 6.46 -2.97
N GLU A 135 -10.39 7.69 -3.15
CA GLU A 135 -11.82 7.98 -3.00
C GLU A 135 -12.63 7.65 -4.24
N THR A 136 -11.92 7.24 -5.30
CA THR A 136 -12.58 6.93 -6.53
C THR A 136 -13.47 5.70 -6.36
N SER A 137 -14.44 5.57 -7.24
CA SER A 137 -15.35 4.45 -7.22
C SER A 137 -15.70 4.14 -8.67
N GLU A 138 -16.46 5.03 -9.32
CA GLU A 138 -16.89 4.82 -10.72
C GLU A 138 -15.79 4.75 -11.74
N THR A 139 -14.70 5.44 -11.49
CA THR A 139 -13.61 5.45 -12.44
C THR A 139 -12.49 4.52 -11.95
N LEU A 140 -11.85 3.83 -12.88
CA LEU A 140 -10.76 2.92 -12.55
C LEU A 140 -9.59 3.68 -11.92
N LEU A 141 -9.05 3.14 -10.83
CA LEU A 141 -7.84 3.72 -10.20
C LEU A 141 -6.71 2.97 -10.93
N GLU A 142 -6.02 3.66 -11.84
CA GLU A 142 -4.97 3.08 -12.68
C GLU A 142 -3.73 2.54 -11.97
N PHE A 143 -3.09 1.54 -12.58
CA PHE A 143 -1.87 0.96 -12.00
C PHE A 143 -0.79 1.99 -11.62
N HIS A 144 -0.27 1.86 -10.41
CA HIS A 144 0.81 2.71 -9.96
C HIS A 144 1.45 2.10 -8.74
N THR A 145 2.72 2.46 -8.60
CA THR A 145 3.56 2.17 -7.45
C THR A 145 3.15 3.33 -6.54
N GLU A 146 3.00 3.13 -5.24
CA GLU A 146 2.63 4.23 -4.36
C GLU A 146 3.81 5.14 -4.05
N MET A 147 3.65 6.44 -4.35
CA MET A 147 4.70 7.42 -4.04
C MET A 147 6.09 7.06 -4.61
N ALA A 148 6.10 6.61 -5.87
CA ALA A 148 7.35 6.22 -6.56
C ALA A 148 8.39 7.34 -6.58
N TYR A 149 7.87 8.56 -6.59
CA TYR A 149 8.65 9.81 -6.63
C TYR A 149 9.18 10.34 -5.28
N HIS A 150 8.88 9.64 -4.17
CA HIS A 150 9.25 10.07 -2.84
C HIS A 150 10.51 9.36 -2.36
N ARG A 151 11.49 10.12 -1.86
CA ARG A 151 12.72 9.54 -1.38
C ARG A 151 12.41 8.56 -0.27
N LEU A 152 11.36 8.87 0.51
CA LEU A 152 10.97 8.00 1.62
C LEU A 152 9.79 7.06 1.32
N GLN A 153 9.65 6.73 0.02
CA GLN A 153 8.62 5.77 -0.46
C GLN A 153 8.62 4.51 0.45
N PRO A 154 7.44 4.04 0.86
CA PRO A 154 7.42 2.85 1.74
C PRO A 154 7.59 1.53 1.02
N ASN A 155 8.22 0.56 1.70
CA ASN A 155 8.41 -0.79 1.10
C ASN A 155 7.02 -1.47 0.93
N TYR A 156 6.09 -1.30 1.88
CA TYR A 156 4.80 -1.95 1.73
C TYR A 156 3.59 -1.04 1.89
N VAL A 157 2.58 -1.34 1.12
CA VAL A 157 1.25 -0.72 1.31
C VAL A 157 0.39 -1.88 1.84
N MET A 158 -0.31 -1.69 2.98
CA MET A 158 -1.18 -2.73 3.52
C MET A 158 -2.61 -2.23 3.48
N LEU A 159 -3.53 -3.06 2.98
CA LEU A 159 -4.98 -2.70 2.89
C LEU A 159 -5.76 -3.79 3.62
N ALA A 160 -6.56 -3.40 4.63
CA ALA A 160 -7.33 -4.37 5.42
C ALA A 160 -8.79 -4.00 5.20
N CYS A 161 -9.60 -5.00 4.86
CA CYS A 161 -11.01 -4.80 4.58
C CYS A 161 -11.98 -4.97 5.77
N SER A 162 -12.73 -3.92 6.10
CA SER A 162 -13.78 -4.01 7.16
C SER A 162 -15.10 -4.21 6.44
N ARG A 163 -15.30 -3.47 5.34
CA ARG A 163 -16.48 -3.66 4.49
C ARG A 163 -16.12 -3.71 3.01
N ALA A 164 -16.68 -4.66 2.28
CA ALA A 164 -16.50 -4.63 0.84
C ALA A 164 -17.65 -3.78 0.27
N ASP A 165 -17.57 -3.41 -1.02
CA ASP A 165 -18.69 -2.68 -1.63
C ASP A 165 -19.88 -3.66 -1.73
N HIS A 166 -21.07 -3.10 -1.75
CA HIS A 166 -22.30 -3.89 -1.75
C HIS A 166 -22.35 -5.06 -2.70
N GLU A 167 -22.03 -4.80 -3.95
CA GLU A 167 -22.11 -5.86 -4.96
C GLU A 167 -20.81 -6.63 -5.13
N ARG A 168 -19.82 -6.29 -4.33
CA ARG A 168 -18.52 -6.96 -4.40
C ARG A 168 -17.96 -6.98 -5.81
N THR A 169 -18.00 -5.80 -6.41
CA THR A 169 -17.47 -5.63 -7.74
C THR A 169 -16.10 -4.98 -7.80
N ALA A 170 -15.71 -4.29 -6.72
CA ALA A 170 -14.40 -3.66 -6.71
C ALA A 170 -13.28 -4.67 -6.52
N ALA A 171 -12.45 -4.83 -7.56
CA ALA A 171 -11.31 -5.74 -7.48
C ALA A 171 -10.01 -4.97 -7.37
N THR A 172 -9.12 -5.45 -6.51
CA THR A 172 -7.82 -4.82 -6.34
C THR A 172 -6.89 -5.57 -7.30
N LEU A 173 -6.22 -4.84 -8.18
CA LEU A 173 -5.36 -5.47 -9.18
C LEU A 173 -3.91 -5.24 -8.80
N VAL A 174 -3.07 -6.25 -9.03
CA VAL A 174 -1.64 -6.11 -8.75
C VAL A 174 -0.86 -6.65 -9.99
N ALA A 175 0.30 -6.08 -10.26
CA ALA A 175 1.17 -6.52 -11.36
C ALA A 175 2.58 -6.49 -10.80
N SER A 176 3.22 -7.67 -10.83
CA SER A 176 4.57 -7.88 -10.29
C SER A 176 5.67 -7.76 -11.33
N VAL A 177 6.73 -7.02 -11.01
CA VAL A 177 7.86 -6.88 -11.97
C VAL A 177 8.50 -8.26 -12.18
N ARG A 178 8.38 -9.17 -11.21
CA ARG A 178 9.03 -10.46 -11.42
C ARG A 178 8.32 -11.32 -12.46
N LYS A 179 7.05 -11.06 -12.66
CA LYS A 179 6.27 -11.77 -13.69
C LYS A 179 6.36 -10.98 -15.00
N ALA A 180 6.43 -9.65 -14.92
CA ALA A 180 6.50 -8.85 -16.16
C ALA A 180 7.85 -8.82 -16.87
N LEU A 181 8.93 -8.84 -16.08
CA LEU A 181 10.26 -8.71 -16.67
C LEU A 181 10.63 -9.66 -17.80
N PRO A 182 10.31 -10.95 -17.66
CA PRO A 182 10.62 -11.96 -18.68
C PRO A 182 9.97 -11.66 -20.03
N LEU A 183 8.87 -10.92 -20.01
CA LEU A 183 8.15 -10.53 -21.22
C LEU A 183 8.84 -9.40 -22.02
N LEU A 184 9.79 -8.70 -21.39
CA LEU A 184 10.50 -7.60 -22.05
C LEU A 184 11.78 -8.08 -22.73
N ASP A 185 12.13 -7.46 -23.86
CA ASP A 185 13.35 -7.87 -24.49
C ASP A 185 14.51 -7.17 -23.82
N GLU A 186 15.72 -7.66 -24.08
CA GLU A 186 16.92 -7.13 -23.45
C GLU A 186 17.12 -5.64 -23.70
N ARG A 187 16.84 -5.18 -24.91
CA ARG A 187 17.00 -3.76 -25.20
C ARG A 187 16.13 -2.86 -24.32
N THR A 188 14.88 -3.29 -24.13
CA THR A 188 13.92 -2.55 -23.32
C THR A 188 14.38 -2.57 -21.85
N ARG A 189 14.77 -3.73 -21.34
CA ARG A 189 15.22 -3.80 -19.94
C ARG A 189 16.43 -2.89 -19.73
N ALA A 190 17.40 -2.99 -20.63
CA ALA A 190 18.61 -2.16 -20.52
C ALA A 190 18.27 -0.68 -20.52
N ARG A 191 17.33 -0.27 -21.37
CA ARG A 191 16.93 1.14 -21.46
C ARG A 191 16.30 1.64 -20.17
N LEU A 192 15.47 0.81 -19.54
CA LEU A 192 14.79 1.18 -18.32
C LEU A 192 15.67 1.13 -17.09
N LEU A 193 16.60 0.19 -17.04
CA LEU A 193 17.38 -0.01 -15.81
C LEU A 193 18.24 1.15 -15.38
N ASP A 194 17.93 1.68 -14.20
CA ASP A 194 18.65 2.78 -13.57
C ASP A 194 18.53 4.11 -14.32
N ARG A 195 17.57 4.20 -15.24
CA ARG A 195 17.39 5.41 -16.01
C ARG A 195 16.37 6.40 -15.43
N ARG A 196 16.85 7.59 -15.05
CA ARG A 196 15.96 8.57 -14.46
C ARG A 196 15.05 9.22 -15.49
N MET A 197 13.76 9.28 -15.17
CA MET A 197 12.74 9.89 -16.01
C MET A 197 11.88 10.82 -15.17
N PRO A 198 11.47 11.96 -15.73
CA PRO A 198 10.63 12.90 -14.96
C PRO A 198 9.32 12.27 -14.47
N CYS A 199 8.87 12.66 -13.28
CA CYS A 199 7.62 12.14 -12.75
C CYS A 199 6.93 13.22 -11.94
N CYS A 200 5.65 13.45 -12.25
CA CYS A 200 4.85 14.40 -11.49
C CYS A 200 4.53 13.70 -10.16
N VAL A 201 3.98 14.44 -9.22
CA VAL A 201 3.62 13.89 -7.91
C VAL A 201 2.12 13.94 -7.65
N ASP A 202 1.66 13.20 -6.66
CA ASP A 202 0.25 13.25 -6.36
C ASP A 202 -0.12 14.62 -5.82
N VAL A 203 -1.42 14.88 -5.82
CA VAL A 203 -1.97 16.16 -5.37
C VAL A 203 -1.40 16.61 -4.04
N ALA A 204 -1.40 15.72 -3.05
CA ALA A 204 -0.95 16.13 -1.73
C ALA A 204 0.46 16.73 -1.66
N PHE A 205 1.35 16.34 -2.58
CA PHE A 205 2.72 16.79 -2.51
C PHE A 205 3.10 17.92 -3.47
N ARG A 206 2.12 18.48 -4.18
CA ARG A 206 2.41 19.53 -5.14
C ARG A 206 2.79 20.85 -4.48
N GLY A 207 3.45 21.71 -5.24
CA GLY A 207 3.89 22.99 -4.72
C GLY A 207 5.39 22.99 -4.40
N GLY A 208 5.98 24.17 -4.44
CA GLY A 208 7.38 24.30 -4.12
C GLY A 208 8.38 23.78 -5.14
N VAL A 209 7.99 23.72 -6.42
CA VAL A 209 8.92 23.24 -7.44
C VAL A 209 9.56 24.45 -8.13
N ASP A 210 10.74 24.80 -7.66
CA ASP A 210 11.49 25.95 -8.16
C ASP A 210 11.66 26.04 -9.66
N ASP A 211 11.87 24.90 -10.31
CA ASP A 211 12.08 24.85 -11.76
C ASP A 211 11.99 23.42 -12.25
N PRO A 212 12.09 23.21 -13.57
CA PRO A 212 12.01 21.86 -14.14
C PRO A 212 13.07 20.94 -13.54
N GLY A 213 14.13 21.55 -13.02
CA GLY A 213 15.22 20.78 -12.42
C GLY A 213 14.86 20.14 -11.09
N ALA A 214 13.82 20.66 -10.43
CA ALA A 214 13.38 20.16 -9.13
C ALA A 214 12.28 19.10 -9.26
N ILE A 215 11.86 18.83 -10.49
CA ILE A 215 10.85 17.81 -10.76
C ILE A 215 11.41 16.44 -10.31
N ALA A 216 10.59 15.63 -9.66
CA ALA A 216 11.05 14.31 -9.20
C ALA A 216 11.53 13.42 -10.36
N GLN A 217 12.51 12.57 -10.08
CA GLN A 217 13.03 11.67 -11.13
C GLN A 217 12.81 10.25 -10.61
N VAL A 218 12.24 9.39 -11.46
CA VAL A 218 11.96 8.02 -11.08
C VAL A 218 12.68 7.06 -12.06
N LYS A 219 13.33 6.02 -11.53
CA LYS A 219 13.98 5.00 -12.37
C LYS A 219 12.91 3.91 -12.49
N PRO A 220 12.41 3.64 -13.70
CA PRO A 220 11.36 2.61 -13.81
C PRO A 220 11.81 1.22 -13.33
N LEU A 221 13.07 0.86 -13.57
CA LEU A 221 13.63 -0.39 -13.04
C LEU A 221 14.92 0.08 -12.39
N TYR A 222 15.30 -0.53 -11.28
CA TYR A 222 16.54 -0.18 -10.62
C TYR A 222 17.02 -1.33 -9.74
N GLY A 223 18.30 -1.29 -9.36
CA GLY A 223 18.84 -2.34 -8.52
C GLY A 223 19.40 -3.47 -9.34
N ASP A 224 19.48 -4.63 -8.72
CA ASP A 224 19.98 -5.84 -9.36
C ASP A 224 19.38 -6.05 -10.75
N ALA A 225 20.20 -6.07 -11.78
CA ALA A 225 19.65 -6.24 -13.13
C ALA A 225 18.87 -7.57 -13.35
N ASP A 226 19.23 -8.61 -12.61
CA ASP A 226 18.52 -9.87 -12.77
C ASP A 226 17.24 -9.97 -11.91
N ASP A 227 17.04 -9.00 -11.01
CA ASP A 227 15.84 -9.02 -10.14
C ASP A 227 15.60 -7.58 -9.68
N PRO A 228 15.36 -6.66 -10.63
CA PRO A 228 15.14 -5.26 -10.31
C PRO A 228 13.89 -4.89 -9.55
N PHE A 229 13.98 -3.74 -8.91
CA PHE A 229 12.82 -3.14 -8.24
C PHE A 229 12.14 -2.36 -9.37
N LEU A 230 10.91 -1.94 -9.11
CA LEU A 230 10.06 -1.24 -10.08
C LEU A 230 9.51 0.06 -9.53
N GLY A 231 9.49 1.07 -10.37
CA GLY A 231 8.91 2.35 -10.01
C GLY A 231 8.04 2.74 -11.20
N TYR A 232 6.72 2.73 -11.05
CA TYR A 232 5.87 3.03 -12.20
C TYR A 232 4.60 3.74 -11.82
N ASP A 233 4.19 4.72 -12.60
CA ASP A 233 2.94 5.37 -12.30
C ASP A 233 2.35 5.72 -13.63
N ARG A 234 1.24 5.09 -13.98
CA ARG A 234 0.66 5.29 -15.29
C ARG A 234 0.34 6.72 -15.71
N GLU A 235 -0.16 7.48 -14.75
CA GLU A 235 -0.53 8.85 -15.00
C GLU A 235 0.59 9.86 -14.77
N LEU A 236 1.45 9.61 -13.78
CA LEU A 236 2.45 10.60 -13.43
C LEU A 236 3.83 10.56 -14.07
N LEU A 237 4.26 9.39 -14.54
CA LEU A 237 5.60 9.26 -15.11
C LEU A 237 5.59 9.92 -16.47
N ALA A 238 6.58 10.76 -16.75
CA ALA A 238 6.64 11.49 -18.02
C ALA A 238 7.92 11.32 -18.84
N PRO A 239 8.16 10.13 -19.40
CA PRO A 239 9.37 9.89 -20.23
C PRO A 239 9.45 10.95 -21.34
N GLU A 240 10.65 11.46 -21.64
CA GLU A 240 10.74 12.50 -22.68
C GLU A 240 11.22 12.04 -24.06
N ASP A 241 12.30 11.26 -24.15
CA ASP A 241 12.81 10.77 -25.45
C ASP A 241 11.97 9.67 -26.05
N PRO A 242 11.90 9.64 -27.38
CA PRO A 242 11.10 8.59 -28.03
C PRO A 242 11.42 7.17 -27.52
N ALA A 243 12.71 6.86 -27.30
CA ALA A 243 13.12 5.51 -26.84
C ALA A 243 12.63 5.22 -25.43
N ASP A 244 12.59 6.26 -24.60
CA ASP A 244 12.10 6.10 -23.23
C ASP A 244 10.60 5.86 -23.24
N LYS A 245 9.87 6.58 -24.09
CA LYS A 245 8.44 6.43 -24.17
C LYS A 245 8.15 5.02 -24.62
N GLU A 246 8.88 4.57 -25.64
CA GLU A 246 8.72 3.22 -26.21
C GLU A 246 8.94 2.15 -25.13
N ALA A 247 9.99 2.35 -24.33
CA ALA A 247 10.35 1.42 -23.28
C ALA A 247 9.32 1.39 -22.17
N VAL A 248 8.83 2.56 -21.77
CA VAL A 248 7.82 2.61 -20.72
C VAL A 248 6.50 2.01 -21.20
N ALA A 249 6.17 2.21 -22.48
CA ALA A 249 4.94 1.60 -23.02
C ALA A 249 5.02 0.06 -23.05
N ALA A 250 6.21 -0.48 -23.31
CA ALA A 250 6.40 -1.93 -23.31
C ALA A 250 6.28 -2.45 -21.88
N LEU A 251 6.84 -1.70 -20.94
CA LEU A 251 6.75 -2.09 -19.52
C LEU A 251 5.26 -2.07 -19.11
N SER A 252 4.52 -1.03 -19.51
CA SER A 252 3.09 -0.90 -19.20
C SER A 252 2.31 -2.08 -19.76
N LYS A 253 2.65 -2.48 -20.98
CA LYS A 253 1.95 -3.61 -21.59
C LYS A 253 2.21 -4.92 -20.87
N ALA A 254 3.48 -5.15 -20.52
CA ALA A 254 3.85 -6.37 -19.79
C ALA A 254 3.15 -6.40 -18.43
N LEU A 255 3.07 -5.25 -17.73
CA LEU A 255 2.40 -5.28 -16.43
C LEU A 255 0.92 -5.65 -16.62
N ASP A 256 0.29 -5.08 -17.64
CA ASP A 256 -1.10 -5.39 -17.90
C ASP A 256 -1.25 -6.88 -18.12
N GLU A 257 -0.35 -7.47 -18.91
CA GLU A 257 -0.46 -8.88 -19.27
C GLU A 257 -0.26 -9.82 -18.12
N VAL A 258 0.36 -9.35 -17.03
CA VAL A 258 0.55 -10.22 -15.86
C VAL A 258 -0.34 -9.83 -14.66
N THR A 259 -1.31 -8.94 -14.89
CA THR A 259 -2.28 -8.55 -13.86
C THR A 259 -2.97 -9.72 -13.13
N GLU A 260 -3.03 -9.60 -11.80
CA GLU A 260 -3.73 -10.57 -10.94
C GLU A 260 -4.79 -9.78 -10.20
N ALA A 261 -5.99 -10.33 -10.11
CA ALA A 261 -7.09 -9.65 -9.43
C ALA A 261 -7.46 -10.33 -8.12
N VAL A 262 -7.71 -9.50 -7.08
CA VAL A 262 -8.11 -9.97 -5.75
C VAL A 262 -9.34 -9.19 -5.32
N TYR A 263 -10.37 -9.90 -4.88
CA TYR A 263 -11.55 -9.23 -4.34
C TYR A 263 -11.42 -9.25 -2.82
N LEU A 264 -11.18 -8.08 -2.22
CA LEU A 264 -11.05 -8.06 -0.77
C LEU A 264 -12.41 -8.15 -0.12
N GLU A 265 -12.54 -9.08 0.83
CA GLU A 265 -13.79 -9.19 1.56
C GLU A 265 -13.49 -8.91 3.02
N PRO A 266 -14.54 -8.70 3.84
CA PRO A 266 -14.21 -8.42 5.25
C PRO A 266 -13.31 -9.51 5.86
N GLY A 267 -12.27 -9.07 6.57
CA GLY A 267 -11.35 -10.02 7.15
C GLY A 267 -10.10 -10.23 6.31
N ASP A 268 -10.07 -9.67 5.11
CA ASP A 268 -8.88 -9.83 4.27
C ASP A 268 -7.89 -8.68 4.45
N LEU A 269 -6.60 -9.01 4.43
CA LEU A 269 -5.55 -7.99 4.55
C LEU A 269 -4.51 -8.26 3.46
N LEU A 270 -4.34 -7.31 2.56
CA LEU A 270 -3.44 -7.44 1.43
C LEU A 270 -2.16 -6.65 1.68
N ILE A 271 -1.02 -7.32 1.56
CA ILE A 271 0.26 -6.68 1.69
C ILE A 271 0.89 -6.56 0.29
N VAL A 272 1.01 -5.34 -0.22
CA VAL A 272 1.61 -5.16 -1.56
C VAL A 272 3.11 -4.78 -1.43
N ASP A 273 3.98 -5.46 -2.18
CA ASP A 273 5.42 -5.14 -2.18
C ASP A 273 5.54 -3.94 -3.08
N ASN A 274 5.58 -2.76 -2.47
CA ASN A 274 5.57 -1.50 -3.19
C ASN A 274 6.84 -1.19 -3.93
N PHE A 275 7.88 -2.01 -3.74
CA PHE A 275 9.08 -1.75 -4.54
C PHE A 275 9.11 -2.75 -5.72
N ARG A 276 8.08 -3.61 -5.87
CA ARG A 276 8.13 -4.60 -6.97
C ARG A 276 6.81 -4.80 -7.63
N THR A 277 5.77 -4.10 -7.16
CA THR A 277 4.41 -4.37 -7.65
C THR A 277 3.59 -3.11 -7.75
N THR A 278 2.86 -2.90 -8.85
CA THR A 278 1.95 -1.76 -9.01
C THR A 278 0.53 -2.25 -8.62
N HIS A 279 -0.33 -1.34 -8.19
CA HIS A 279 -1.70 -1.76 -7.84
C HIS A 279 -2.72 -0.79 -8.43
N ALA A 280 -3.96 -1.25 -8.51
CA ALA A 280 -5.05 -0.50 -9.11
C ALA A 280 -6.35 -1.00 -8.52
N ARG A 281 -7.49 -0.38 -8.88
CA ARG A 281 -8.75 -0.89 -8.36
C ARG A 281 -9.82 -0.65 -9.41
N THR A 282 -10.64 -1.66 -9.69
CA THR A 282 -11.66 -1.53 -10.72
C THR A 282 -12.86 -0.74 -10.20
N PRO A 283 -13.77 -0.37 -11.11
CA PRO A 283 -14.95 0.41 -10.71
C PRO A 283 -16.03 -0.25 -9.84
N PHE A 284 -16.69 0.58 -9.05
CA PHE A 284 -17.83 0.13 -8.25
C PHE A 284 -18.72 1.35 -8.04
N SER A 285 -20.01 1.12 -7.76
CA SER A 285 -20.95 2.23 -7.56
C SER A 285 -21.39 2.36 -6.12
N PRO A 286 -21.02 3.47 -5.45
CA PRO A 286 -21.40 3.66 -4.06
C PRO A 286 -22.89 3.91 -3.89
N ARG A 287 -23.39 3.59 -2.71
CA ARG A 287 -24.80 3.79 -2.40
C ARG A 287 -24.99 5.00 -1.49
N TRP A 288 -23.92 5.44 -0.83
CA TRP A 288 -24.01 6.62 0.06
C TRP A 288 -25.04 6.32 1.15
N ASP A 289 -25.00 5.10 1.64
CA ASP A 289 -25.94 4.61 2.64
C ASP A 289 -25.38 4.30 4.03
N GLY A 290 -24.13 4.67 4.27
CA GLY A 290 -23.54 4.40 5.57
C GLY A 290 -22.81 3.06 5.67
N LYS A 291 -22.97 2.24 4.63
CA LYS A 291 -22.33 0.93 4.61
C LYS A 291 -21.49 0.73 3.35
N ASP A 292 -21.00 1.81 2.76
CA ASP A 292 -20.14 1.71 1.59
C ASP A 292 -18.82 1.02 1.93
N ARG A 293 -18.08 0.61 0.89
CA ARG A 293 -16.76 -0.05 1.04
C ARG A 293 -15.87 0.72 2.01
N TRP A 294 -15.14 -0.04 2.85
CA TRP A 294 -14.30 0.57 3.87
C TRP A 294 -13.07 -0.28 4.11
N LEU A 295 -11.93 0.24 3.66
CA LEU A 295 -10.65 -0.41 3.93
C LEU A 295 -9.87 0.49 4.87
N HIS A 296 -8.85 -0.09 5.49
CA HIS A 296 -7.93 0.64 6.36
C HIS A 296 -6.55 0.48 5.69
N ARG A 297 -5.83 1.59 5.53
CA ARG A 297 -4.51 1.56 4.87
C ARG A 297 -3.38 2.05 5.76
N VAL A 298 -2.26 1.35 5.76
CA VAL A 298 -1.07 1.87 6.43
C VAL A 298 0.12 1.65 5.51
N TYR A 299 1.19 2.42 5.71
CA TYR A 299 2.42 2.30 4.90
C TYR A 299 3.51 1.79 5.85
N ILE A 300 4.32 0.86 5.38
CA ILE A 300 5.37 0.24 6.19
C ILE A 300 6.77 0.44 5.62
N ARG A 301 7.66 1.02 6.41
CA ARG A 301 9.08 1.16 5.99
C ARG A 301 9.89 0.02 6.61
N THR A 302 10.90 -0.41 5.85
CA THR A 302 11.81 -1.45 6.36
C THR A 302 13.26 -0.95 6.22
N ASP A 303 14.21 -1.84 6.49
CA ASP A 303 15.65 -1.52 6.33
C ASP A 303 16.14 -1.55 4.87
N ARG A 304 15.29 -1.98 3.93
CA ARG A 304 15.71 -2.07 2.54
C ARG A 304 15.98 -0.71 1.89
N ASN A 305 16.93 -0.64 0.97
CA ASN A 305 17.19 0.56 0.16
C ASN A 305 17.13 2.05 0.56
N GLY A 306 17.49 2.51 1.77
CA GLY A 306 17.43 3.95 2.03
C GLY A 306 16.14 4.57 2.61
N GLN A 307 15.32 3.71 3.18
CA GLN A 307 14.11 4.23 3.77
C GLN A 307 14.40 4.74 5.17
N LEU A 308 15.45 4.17 5.80
CA LEU A 308 15.78 4.56 7.19
C LEU A 308 17.19 5.05 7.39
N SER A 309 17.33 6.10 8.21
CA SER A 309 18.66 6.70 8.51
C SER A 309 19.04 6.69 9.99
N GLY A 310 18.13 6.26 10.84
CA GLY A 310 18.41 6.15 12.25
C GLY A 310 17.40 6.84 13.14
N GLY A 311 17.02 6.14 14.21
CA GLY A 311 16.14 6.67 15.20
C GLY A 311 14.66 6.63 14.88
N GLU A 312 14.30 6.06 13.74
CA GLU A 312 12.87 6.02 13.38
C GLU A 312 12.05 5.12 14.28
N ARG A 313 10.79 5.49 14.47
CA ARG A 313 9.85 4.71 15.27
C ARG A 313 8.59 4.48 14.44
N ALA A 314 7.92 3.37 14.72
CA ALA A 314 6.62 3.09 14.06
C ALA A 314 5.66 4.12 14.60
N GLY A 315 5.05 4.89 13.69
CA GLY A 315 4.17 5.97 14.07
C GLY A 315 4.72 7.32 13.61
N ASP A 316 6.00 7.39 13.22
CA ASP A 316 6.59 8.65 12.75
C ASP A 316 5.91 9.11 11.49
N VAL A 317 5.97 10.44 11.29
CA VAL A 317 5.39 11.12 10.14
C VAL A 317 6.55 11.86 9.48
N VAL A 318 6.79 11.57 8.20
CA VAL A 318 7.90 12.15 7.48
C VAL A 318 7.52 13.18 6.46
N ALA A 319 8.45 14.11 6.20
CA ALA A 319 8.14 15.15 5.22
C ALA A 319 8.62 14.80 3.81
N PHE A 320 8.13 15.56 2.83
CA PHE A 320 8.45 15.30 1.43
C PHE A 320 9.81 15.75 0.93
N THR A 321 10.46 14.84 0.23
CA THR A 321 11.72 15.10 -0.47
C THR A 321 11.59 14.28 -1.76
N PRO A 322 11.66 14.93 -2.93
CA PRO A 322 11.53 14.19 -4.20
C PRO A 322 12.78 13.40 -4.52
N ARG A 323 12.63 12.28 -5.24
CA ARG A 323 13.78 11.52 -5.69
C ARG A 323 14.48 12.32 -6.75
N GLY A 324 15.80 12.18 -6.83
CA GLY A 324 16.52 12.94 -7.85
C GLY A 324 17.65 13.82 -7.34
C ACT B . -8.12 -0.57 -3.44
O ACT B . -9.03 0.40 -3.00
OXT ACT B . -8.46 -1.90 -3.39
CH3 ACT B . -6.73 -0.17 -3.98
S SO4 C . 16.79 8.92 -4.64
O1 SO4 C . 16.00 8.09 -5.69
O2 SO4 C . 16.08 9.00 -3.27
O3 SO4 C . 16.98 10.35 -5.21
O4 SO4 C . 18.18 8.31 -4.41
S SO4 D . -5.57 9.10 -1.07
O1 SO4 D . -5.11 7.89 -1.91
O2 SO4 D . -6.57 8.66 0.03
O3 SO4 D . -6.23 10.17 -1.94
O4 SO4 D . -4.35 9.63 -0.33
S SO4 E . -7.04 -17.21 -2.50
O1 SO4 E . -7.53 -18.67 -2.61
O2 SO4 E . -7.39 -16.70 -1.08
O3 SO4 E . -7.68 -16.31 -3.58
O4 SO4 E . -5.53 -17.22 -2.79
#